data_4OMR
#
_entry.id   4OMR
#
_cell.length_a   106.482
_cell.length_b   106.482
_cell.length_c   106.482
_cell.angle_alpha   90.000
_cell.angle_beta   90.000
_cell.angle_gamma   90.000
#
_symmetry.space_group_name_H-M   'P 21 3'
#
loop_
_entity.id
_entity.type
_entity.pdbx_description
1 polymer 'Enoyl-CoA hydratase'
2 non-polymer 'ACETOACETYL-COENZYME A'
3 non-polymer BENZAMIDINE
4 water water
#
_entity_poly.entity_id   1
_entity_poly.type   'polypeptide(L)'
_entity_poly.pdbx_seq_one_letter_code
;(MSE)HHHHHHSSGVDLGTENLYFQS(MSE)AQTKAPTAEELAAAGLTLTIDGEVARITLSRPHRRNA(MSE)TGR
(MSE)WTELARIGHTLPQAVRIVVITGEGPTFSSGIDLD(MSE)FQAGKVDGEPTPFTLLARDPNSTAALDQVIASYQEG
FLWLRRADIVSIAAVRGHAIGAGFQLALSCDIRILSDTAQL(CSD)(MSE)KEPALGLVPDLTGTQPLVELVGVNRAIEL
CLTARTIDAAEAAQLRLAERVVADAELDAAVDALVAQLLAVPAAAARATKELLLQAGRNDLATQARVERTAQLARLAELA
KASAAPRRP
;
_entity_poly.pdbx_strand_id   A
#
# COMPACT_ATOMS: atom_id res chain seq x y z
N LYS A 27 -16.16 13.47 7.53
CA LYS A 27 -16.72 13.56 6.14
C LYS A 27 -15.68 13.04 5.16
N ALA A 28 -16.04 12.03 4.39
CA ALA A 28 -15.13 11.50 3.41
C ALA A 28 -14.80 12.55 2.34
N PRO A 29 -13.60 12.50 1.79
CA PRO A 29 -13.28 13.36 0.63
C PRO A 29 -14.29 13.10 -0.51
N THR A 30 -14.73 14.16 -1.19
CA THR A 30 -15.62 14.02 -2.36
C THR A 30 -14.86 13.51 -3.57
N ALA A 31 -15.58 12.94 -4.55
CA ALA A 31 -14.93 12.56 -5.80
C ALA A 31 -14.20 13.74 -6.49
N GLU A 32 -14.79 14.92 -6.44
CA GLU A 32 -14.17 16.10 -7.01
C GLU A 32 -12.85 16.40 -6.28
N GLU A 33 -12.88 16.41 -4.94
CA GLU A 33 -11.66 16.68 -4.16
C GLU A 33 -10.60 15.62 -4.49
N LEU A 34 -11.01 14.36 -4.58
CA LEU A 34 -10.05 13.28 -4.82
C LEU A 34 -9.47 13.44 -6.20
N ALA A 35 -10.27 13.84 -7.19
CA ALA A 35 -9.78 13.97 -8.57
C ALA A 35 -8.73 15.07 -8.63
N ALA A 36 -8.93 16.13 -7.85
CA ALA A 36 -7.91 17.20 -7.77
C ALA A 36 -6.60 16.70 -7.16
N ALA A 37 -6.65 15.66 -6.33
CA ALA A 37 -5.47 15.02 -5.76
C ALA A 37 -4.97 13.81 -6.51
N GLY A 38 -5.51 13.54 -7.67
CA GLY A 38 -5.07 12.44 -8.51
C GLY A 38 -5.56 11.07 -8.10
N LEU A 39 -6.73 11.00 -7.49
CA LEU A 39 -7.30 9.78 -7.02
C LEU A 39 -8.78 9.60 -7.40
N THR A 40 -9.17 8.33 -7.50
N THR A 40 -9.21 8.35 -7.57
CA THR A 40 -10.55 7.94 -7.65
CA THR A 40 -10.63 8.04 -7.57
C THR A 40 -10.82 6.96 -6.50
C THR A 40 -10.86 6.94 -6.57
N LEU A 41 -12.04 7.00 -5.96
CA LEU A 41 -12.47 6.01 -4.99
C LEU A 41 -13.84 5.54 -5.33
N THR A 42 -14.07 4.24 -5.45
CA THR A 42 -15.41 3.79 -5.56
C THR A 42 -15.65 2.71 -4.55
N ILE A 43 -16.87 2.60 -4.07
CA ILE A 43 -17.19 1.60 -3.10
C ILE A 43 -18.33 0.76 -3.58
N ASP A 44 -18.17 -0.54 -3.49
CA ASP A 44 -19.30 -1.46 -3.81
C ASP A 44 -19.43 -2.45 -2.68
N GLY A 45 -20.39 -2.22 -1.81
CA GLY A 45 -20.63 -3.06 -0.61
C GLY A 45 -19.41 -3.06 0.29
N GLU A 46 -18.76 -4.20 0.40
CA GLU A 46 -17.67 -4.39 1.31
C GLU A 46 -16.31 -4.11 0.70
N VAL A 47 -16.26 -3.65 -0.55
CA VAL A 47 -14.99 -3.50 -1.28
C VAL A 47 -14.84 -2.05 -1.74
N ALA A 48 -13.71 -1.43 -1.43
CA ALA A 48 -13.33 -0.13 -1.90
C ALA A 48 -12.20 -0.22 -2.88
N ARG A 49 -12.30 0.50 -3.99
CA ARG A 49 -11.22 0.54 -4.98
C ARG A 49 -10.70 1.97 -5.06
N ILE A 50 -9.43 2.09 -4.79
CA ILE A 50 -8.69 3.38 -4.92
C ILE A 50 -7.79 3.29 -6.15
N THR A 51 -7.95 4.19 -7.13
CA THR A 51 -7.16 4.18 -8.33
C THR A 51 -6.32 5.49 -8.38
N LEU A 52 -5.02 5.36 -8.54
CA LEU A 52 -4.13 6.48 -8.76
C LEU A 52 -4.46 6.91 -10.18
N SER A 53 -4.76 8.17 -10.36
CA SER A 53 -5.41 8.64 -11.56
C SER A 53 -4.70 9.85 -12.17
N ARG A 54 -3.37 9.84 -12.31
CA ARG A 54 -2.64 10.84 -13.13
C ARG A 54 -1.81 10.11 -14.17
N PRO A 55 -2.47 9.40 -15.09
CA PRO A 55 -1.75 8.55 -16.03
C PRO A 55 -0.75 9.36 -16.92
N HIS A 56 -1.01 10.62 -17.19
CA HIS A 56 -0.06 11.42 -17.96
C HIS A 56 1.25 11.72 -17.28
N ARG A 57 1.27 11.64 -15.96
CA ARG A 57 2.48 11.70 -15.19
C ARG A 57 2.79 10.34 -14.58
N ARG A 58 2.24 9.26 -15.16
CA ARG A 58 2.56 7.92 -14.68
C ARG A 58 2.35 7.80 -13.17
N ASN A 59 1.27 8.41 -12.73
CA ASN A 59 0.81 8.33 -11.36
C ASN A 59 1.81 8.76 -10.32
N ALA A 60 2.62 9.75 -10.67
CA ALA A 60 3.54 10.32 -9.72
C ALA A 60 2.75 10.89 -8.54
N THR A 62 2.07 13.07 -4.94
CA THR A 62 2.30 14.32 -4.28
C THR A 62 1.86 14.30 -2.82
N GLY A 63 2.25 15.35 -2.08
CA GLY A 63 1.82 15.50 -0.69
C GLY A 63 0.32 15.50 -0.48
N ARG A 64 -0.38 16.16 -1.37
CA ARG A 64 -1.81 16.19 -1.36
C ARG A 64 -2.44 14.80 -1.61
N TRP A 66 -0.98 11.91 -0.82
CA TRP A 66 -0.74 11.16 0.42
C TRP A 66 -1.72 11.57 1.53
N THR A 67 -1.95 12.88 1.71
CA THR A 67 -2.86 13.26 2.76
C THR A 67 -4.32 12.90 2.46
N GLU A 68 -4.73 12.91 1.19
CA GLU A 68 -6.10 12.43 0.80
C GLU A 68 -6.23 10.95 0.99
N LEU A 69 -5.15 10.20 0.77
CA LEU A 69 -5.18 8.75 1.02
C LEU A 69 -5.44 8.52 2.49
N ALA A 70 -4.81 9.29 3.34
CA ALA A 70 -5.01 9.18 4.78
C ALA A 70 -6.48 9.47 5.15
N ARG A 71 -7.02 10.54 4.54
CA ARG A 71 -8.42 10.96 4.79
C ARG A 71 -9.36 9.88 4.32
N ILE A 72 -9.08 9.27 3.15
CA ILE A 72 -9.92 8.12 2.74
C ILE A 72 -9.91 7.01 3.81
N GLY A 73 -8.74 6.65 4.28
CA GLY A 73 -8.62 5.63 5.32
C GLY A 73 -9.39 5.93 6.59
N HIS A 74 -9.38 7.18 7.00
CA HIS A 74 -9.99 7.59 8.22
C HIS A 74 -11.51 7.65 8.14
N THR A 75 -12.08 7.76 6.93
CA THR A 75 -13.48 7.99 6.79
C THR A 75 -14.16 6.82 6.05
N LEU A 76 -13.48 5.71 5.80
CA LEU A 76 -14.16 4.64 5.01
C LEU A 76 -15.40 4.10 5.77
N PRO A 77 -16.47 3.74 5.07
CA PRO A 77 -17.61 3.18 5.79
C PRO A 77 -17.21 1.92 6.59
N GLN A 78 -17.90 1.61 7.67
CA GLN A 78 -17.51 0.47 8.51
C GLN A 78 -17.66 -0.84 7.74
N ALA A 79 -18.59 -0.87 6.79
CA ALA A 79 -18.82 -2.04 5.95
C ALA A 79 -17.64 -2.43 5.07
N VAL A 80 -16.80 -1.49 4.71
CA VAL A 80 -15.67 -1.82 3.88
C VAL A 80 -14.63 -2.67 4.64
N ARG A 81 -14.30 -3.82 4.05
CA ARG A 81 -13.28 -4.68 4.64
C ARG A 81 -12.22 -5.14 3.66
N ILE A 82 -12.33 -4.71 2.39
CA ILE A 82 -11.29 -5.00 1.41
C ILE A 82 -11.03 -3.70 0.67
N VAL A 83 -9.75 -3.36 0.46
CA VAL A 83 -9.36 -2.18 -0.26
C VAL A 83 -8.35 -2.56 -1.33
N VAL A 84 -8.67 -2.23 -2.57
CA VAL A 84 -7.82 -2.56 -3.71
C VAL A 84 -7.25 -1.28 -4.23
N ILE A 85 -5.93 -1.21 -4.35
CA ILE A 85 -5.20 -0.07 -4.90
C ILE A 85 -4.66 -0.41 -6.26
N THR A 86 -5.00 0.36 -7.31
CA THR A 86 -4.59 0.14 -8.69
CA THR A 86 -4.27 0.16 -8.59
C THR A 86 -4.11 1.49 -9.27
N GLY A 87 -3.51 1.47 -10.47
CA GLY A 87 -3.20 2.75 -11.15
C GLY A 87 -3.94 2.77 -12.46
N GLU A 88 -4.20 3.98 -12.96
N GLU A 88 -4.17 3.98 -12.97
CA GLU A 88 -4.65 4.14 -14.34
CA GLU A 88 -4.64 4.18 -14.30
C GLU A 88 -3.44 4.09 -15.25
C GLU A 88 -3.45 4.12 -15.26
N GLY A 89 -3.59 3.42 -16.40
CA GLY A 89 -2.56 3.34 -17.44
C GLY A 89 -1.51 2.23 -17.15
N PRO A 90 -0.36 2.31 -17.81
CA PRO A 90 0.57 1.18 -17.78
C PRO A 90 1.54 1.13 -16.62
N THR A 91 1.60 2.18 -15.83
CA THR A 91 2.55 2.35 -14.74
C THR A 91 1.77 2.50 -13.44
N PHE A 92 2.04 1.68 -12.44
CA PHE A 92 1.41 1.75 -11.15
C PHE A 92 1.69 3.09 -10.49
N SER A 93 2.98 3.43 -10.36
CA SER A 93 3.38 4.75 -9.92
C SER A 93 4.84 5.00 -10.14
N SER A 94 5.16 6.14 -10.74
CA SER A 94 6.53 6.57 -10.96
C SER A 94 7.19 7.20 -9.72
N GLY A 95 6.56 7.08 -8.58
CA GLY A 95 7.11 7.57 -7.30
C GLY A 95 6.77 9.00 -7.07
N ILE A 96 7.60 9.70 -6.31
N ILE A 96 7.60 9.71 -6.32
CA ILE A 96 7.32 11.10 -6.00
CA ILE A 96 7.34 11.11 -6.04
C ILE A 96 7.39 11.97 -7.26
C ILE A 96 7.37 11.96 -7.30
N ASP A 97 6.41 12.86 -7.41
CA ASP A 97 6.37 13.84 -8.47
C ASP A 97 7.59 14.72 -8.32
N LEU A 98 8.33 14.84 -9.40
CA LEU A 98 9.58 15.57 -9.37
C LEU A 98 9.39 17.07 -9.02
N ASP A 99 8.18 17.60 -9.20
CA ASP A 99 7.84 18.93 -8.70
C ASP A 99 7.91 19.09 -7.17
N PHE A 101 10.35 18.27 -5.52
CA PHE A 101 11.74 18.68 -5.19
C PHE A 101 12.03 20.16 -5.46
N GLN A 102 10.99 20.93 -5.77
CA GLN A 102 11.08 22.40 -5.97
C GLN A 102 10.48 23.11 -4.76
N ALA A 103 10.72 24.40 -4.67
CA ALA A 103 10.20 25.25 -3.58
C ALA A 103 8.74 25.71 -3.77
N GLY A 104 8.25 25.75 -5.02
CA GLY A 104 6.84 26.11 -5.24
C GLY A 104 5.85 25.11 -4.64
N LYS A 105 4.62 25.55 -4.39
CA LYS A 105 3.58 24.64 -3.90
C LYS A 105 3.16 23.62 -4.96
N VAL A 106 2.69 22.48 -4.50
CA VAL A 106 2.25 21.44 -5.43
C VAL A 106 0.88 21.01 -4.97
N ASP A 107 -0.08 20.98 -5.89
CA ASP A 107 -1.45 20.63 -5.57
C ASP A 107 -1.93 21.51 -4.42
N GLY A 108 -1.56 22.78 -4.45
CA GLY A 108 -1.93 23.75 -3.41
C GLY A 108 -1.16 23.68 -2.10
N GLU A 109 -0.22 22.75 -1.96
CA GLU A 109 0.40 22.48 -0.66
C GLU A 109 1.93 22.74 -0.68
N PRO A 110 2.50 23.25 0.44
CA PRO A 110 3.97 23.43 0.53
C PRO A 110 4.75 22.10 0.45
N THR A 111 5.93 22.09 -0.18
CA THR A 111 6.76 20.87 -0.26
C THR A 111 7.74 20.88 0.92
N PRO A 112 8.40 19.75 1.21
CA PRO A 112 9.57 19.77 2.15
C PRO A 112 10.61 20.85 1.79
N PHE A 113 10.81 21.09 0.50
CA PHE A 113 11.77 22.13 0.07
C PHE A 113 11.25 23.54 0.24
N THR A 114 9.94 23.75 0.09
CA THR A 114 9.28 25.03 0.46
C THR A 114 9.68 25.37 1.89
N LEU A 115 9.47 24.39 2.78
CA LEU A 115 9.80 24.52 4.20
C LEU A 115 11.28 24.79 4.46
N LEU A 116 12.16 23.97 3.88
CA LEU A 116 13.61 24.11 4.15
C LEU A 116 14.14 25.45 3.67
N ALA A 117 13.63 25.93 2.53
CA ALA A 117 13.82 27.33 2.14
C ALA A 117 12.95 28.26 2.98
N ALA A 124 11.11 20.67 13.18
CA ALA A 124 9.87 20.11 13.73
C ALA A 124 8.70 20.12 12.73
N ALA A 125 8.57 21.23 12.01
CA ALA A 125 7.47 21.40 11.08
C ALA A 125 7.59 20.38 9.94
N LEU A 126 8.82 20.23 9.43
CA LEU A 126 9.10 19.25 8.39
C LEU A 126 8.76 17.85 8.93
N ASP A 127 9.20 17.55 10.15
CA ASP A 127 8.89 16.28 10.77
C ASP A 127 7.35 16.03 10.82
N GLN A 128 6.58 17.07 11.13
CA GLN A 128 5.12 16.94 11.16
C GLN A 128 4.51 16.69 9.75
N VAL A 129 5.07 17.32 8.73
CA VAL A 129 4.62 17.17 7.38
C VAL A 129 4.88 15.74 6.90
N ILE A 130 6.08 15.21 7.15
CA ILE A 130 6.39 13.86 6.76
C ILE A 130 5.48 12.86 7.49
N ALA A 131 5.26 13.07 8.76
CA ALA A 131 4.38 12.21 9.54
C ALA A 131 2.99 12.22 8.92
N SER A 132 2.53 13.39 8.42
CA SER A 132 1.19 13.45 7.80
C SER A 132 1.13 12.67 6.51
N TYR A 133 2.25 12.65 5.79
CA TYR A 133 2.35 11.79 4.59
C TYR A 133 2.34 10.31 4.89
N GLN A 134 3.10 9.90 5.92
CA GLN A 134 3.10 8.52 6.33
C GLN A 134 1.70 7.98 6.71
N GLU A 135 0.81 8.85 7.18
CA GLU A 135 -0.54 8.42 7.53
C GLU A 135 -1.31 7.90 6.32
N GLY A 136 -0.91 8.33 5.13
CA GLY A 136 -1.50 7.77 3.92
C GLY A 136 -1.24 6.33 3.62
N PHE A 137 -0.19 5.76 4.24
CA PHE A 137 0.24 4.41 4.09
C PHE A 137 -0.04 3.56 5.31
N LEU A 138 0.07 4.12 6.52
CA LEU A 138 -0.07 3.33 7.73
C LEU A 138 -1.37 2.62 7.86
N TRP A 139 -2.46 3.23 7.43
CA TRP A 139 -3.79 2.68 7.64
C TRP A 139 -4.07 1.42 6.84
N LEU A 140 -3.21 1.11 5.87
CA LEU A 140 -3.39 -0.09 5.05
C LEU A 140 -3.10 -1.36 5.82
N ARG A 141 -2.50 -1.24 7.00
CA ARG A 141 -2.26 -2.36 7.92
C ARG A 141 -3.41 -2.60 8.92
N ARG A 142 -4.48 -1.79 8.89
CA ARG A 142 -5.59 -1.94 9.83
C ARG A 142 -6.12 -3.37 9.80
N ALA A 143 -6.38 -3.90 10.97
CA ALA A 143 -6.90 -5.28 11.06
C ALA A 143 -8.23 -5.48 10.45
N ASP A 144 -9.05 -4.43 10.33
CA ASP A 144 -10.37 -4.62 9.79
C ASP A 144 -10.48 -4.48 8.26
N ILE A 145 -9.32 -4.43 7.59
CA ILE A 145 -9.18 -4.28 6.17
C ILE A 145 -8.22 -5.36 5.70
N VAL A 146 -8.45 -5.88 4.50
CA VAL A 146 -7.41 -6.52 3.70
C VAL A 146 -7.12 -5.61 2.53
N SER A 147 -5.89 -5.13 2.43
CA SER A 147 -5.45 -4.23 1.40
C SER A 147 -4.66 -4.98 0.34
N ILE A 148 -4.94 -4.68 -0.92
CA ILE A 148 -4.41 -5.41 -2.06
C ILE A 148 -3.85 -4.40 -3.02
N ALA A 149 -2.59 -4.54 -3.43
CA ALA A 149 -2.03 -3.66 -4.47
C ALA A 149 -2.01 -4.45 -5.77
N ALA A 150 -2.56 -3.89 -6.83
CA ALA A 150 -2.57 -4.57 -8.14
C ALA A 150 -1.69 -3.77 -9.06
N VAL A 151 -0.48 -4.30 -9.31
CA VAL A 151 0.60 -3.48 -9.86
C VAL A 151 0.91 -3.88 -11.31
N ARG A 152 0.87 -2.95 -12.24
CA ARG A 152 1.45 -3.18 -13.56
C ARG A 152 2.51 -2.10 -13.85
N GLY A 153 3.47 -2.45 -14.69
CA GLY A 153 4.57 -1.53 -15.01
C GLY A 153 5.36 -1.16 -13.77
N HIS A 154 5.97 0.03 -13.81
CA HIS A 154 6.85 0.43 -12.70
C HIS A 154 6.11 0.83 -11.42
N ALA A 155 6.69 0.44 -10.30
CA ALA A 155 6.38 0.94 -8.97
C ALA A 155 7.69 1.35 -8.36
N ILE A 156 7.93 2.67 -8.38
CA ILE A 156 9.22 3.28 -8.06
C ILE A 156 9.09 4.04 -6.75
N GLY A 157 9.97 3.76 -5.79
CA GLY A 157 10.20 4.69 -4.68
C GLY A 157 8.95 4.75 -3.82
N ALA A 158 8.33 5.91 -3.73
CA ALA A 158 7.09 6.00 -2.98
C ALA A 158 6.06 4.99 -3.50
N GLY A 159 6.02 4.75 -4.83
CA GLY A 159 5.09 3.76 -5.35
C GLY A 159 5.34 2.34 -4.91
N PHE A 160 6.62 1.96 -4.83
CA PHE A 160 7.03 0.65 -4.30
C PHE A 160 6.60 0.59 -2.82
N GLN A 161 6.80 1.66 -2.09
CA GLN A 161 6.41 1.68 -0.71
C GLN A 161 4.87 1.57 -0.47
N LEU A 162 4.09 2.13 -1.37
CA LEU A 162 2.64 2.00 -1.35
C LEU A 162 2.28 0.56 -1.53
N ALA A 163 2.88 -0.11 -2.51
CA ALA A 163 2.57 -1.53 -2.72
C ALA A 163 2.99 -2.38 -1.56
N LEU A 164 4.14 -2.06 -0.99
CA LEU A 164 4.65 -2.78 0.21
C LEU A 164 3.77 -2.62 1.45
N SER A 165 3.06 -1.53 1.52
CA SER A 165 2.23 -1.18 2.65
C SER A 165 0.93 -1.99 2.63
N CYS A 166 0.56 -2.53 1.48
CA CYS A 166 -0.63 -3.32 1.36
C CYS A 166 -0.35 -4.73 1.93
N ASP A 167 -1.38 -5.41 2.37
CA ASP A 167 -1.25 -6.78 2.81
C ASP A 167 -0.77 -7.71 1.67
N ILE A 168 -1.37 -7.55 0.48
CA ILE A 168 -1.14 -8.51 -0.61
C ILE A 168 -0.79 -7.74 -1.87
N ARG A 169 0.17 -8.22 -2.65
CA ARG A 169 0.42 -7.68 -4.00
C ARG A 169 0.16 -8.74 -5.07
N ILE A 170 -0.60 -8.36 -6.08
CA ILE A 170 -0.77 -9.12 -7.28
C ILE A 170 -0.13 -8.31 -8.39
N LEU A 171 0.86 -8.90 -9.07
CA LEU A 171 1.60 -8.22 -10.10
C LEU A 171 1.22 -8.76 -11.48
N SER A 172 1.13 -7.83 -12.42
CA SER A 172 1.20 -8.17 -13.81
C SER A 172 2.60 -8.65 -14.13
N ASP A 173 2.71 -9.44 -15.20
CA ASP A 173 4.00 -9.79 -15.68
C ASP A 173 4.81 -8.63 -16.21
N THR A 174 4.19 -7.49 -16.41
CA THR A 174 4.91 -6.26 -16.80
C THR A 174 5.47 -5.46 -15.62
N ALA A 175 5.19 -5.90 -14.39
CA ALA A 175 5.62 -5.12 -13.20
C ALA A 175 7.15 -5.05 -13.04
N GLN A 176 7.62 -3.88 -12.61
CA GLN A 176 9.01 -3.66 -12.31
C GLN A 176 9.08 -2.81 -11.02
N LEU A 177 9.79 -3.29 -10.02
CA LEU A 177 9.82 -2.63 -8.72
C LEU A 177 11.16 -2.05 -8.49
N LYS A 180 14.17 3.51 -5.33
CA LYS A 180 15.05 4.52 -5.90
C LYS A 180 15.58 5.54 -4.91
N GLU A 181 14.95 5.66 -3.74
CA GLU A 181 15.29 6.77 -2.87
C GLU A 181 16.78 6.92 -2.65
N PRO A 182 17.48 5.83 -2.30
CA PRO A 182 18.91 6.05 -1.98
C PRO A 182 19.72 6.59 -3.15
N ALA A 183 19.39 6.20 -4.38
CA ALA A 183 20.00 6.76 -5.61
C ALA A 183 19.85 8.25 -5.67
N LEU A 184 18.79 8.78 -5.09
CA LEU A 184 18.55 10.19 -5.05
C LEU A 184 19.13 10.88 -3.83
N GLY A 185 19.85 10.13 -2.97
CA GLY A 185 20.38 10.67 -1.75
C GLY A 185 19.42 10.71 -0.57
N LEU A 186 18.33 9.93 -0.65
CA LEU A 186 17.32 9.93 0.35
C LEU A 186 17.20 8.53 0.93
N VAL A 187 16.44 8.40 2.00
CA VAL A 187 16.06 7.08 2.54
C VAL A 187 14.59 6.78 2.17
N PRO A 188 14.16 5.52 2.24
CA PRO A 188 12.73 5.23 2.17
C PRO A 188 12.06 5.65 3.49
N ASP A 189 11.18 6.63 3.43
CA ASP A 189 10.52 7.10 4.64
C ASP A 189 9.00 7.13 4.58
N LEU A 190 8.43 6.38 3.67
CA LEU A 190 6.98 6.23 3.59
C LEU A 190 6.51 4.85 4.07
N THR A 191 7.20 4.32 5.08
CA THR A 191 6.82 3.12 5.83
C THR A 191 7.16 1.80 5.15
N GLY A 192 7.89 1.85 4.05
CA GLY A 192 8.31 0.68 3.29
C GLY A 192 9.39 -0.22 3.88
N THR A 193 10.22 0.28 4.78
CA THR A 193 11.38 -0.47 5.21
C THR A 193 10.97 -1.76 5.98
N GLN A 194 9.98 -1.68 6.86
CA GLN A 194 9.57 -2.85 7.64
C GLN A 194 8.99 -3.95 6.81
N PRO A 195 7.98 -3.67 5.95
CA PRO A 195 7.46 -4.76 5.09
C PRO A 195 8.50 -5.28 4.10
N LEU A 196 9.40 -4.44 3.60
CA LEU A 196 10.41 -4.97 2.72
C LEU A 196 11.26 -5.99 3.47
N VAL A 197 11.72 -5.65 4.65
CA VAL A 197 12.56 -6.56 5.44
C VAL A 197 11.79 -7.86 5.76
N GLU A 198 10.53 -7.74 6.10
CA GLU A 198 9.69 -8.91 6.42
C GLU A 198 9.59 -9.81 5.21
N LEU A 199 9.37 -9.23 4.04
CA LEU A 199 9.19 -9.99 2.84
C LEU A 199 10.50 -10.68 2.37
N VAL A 200 11.58 -9.92 2.23
N VAL A 200 11.59 -9.93 2.28
CA VAL A 200 12.78 -10.44 1.58
CA VAL A 200 12.77 -10.41 1.59
C VAL A 200 13.94 -10.73 2.51
C VAL A 200 13.94 -10.73 2.50
N GLY A 201 13.83 -10.36 3.77
CA GLY A 201 14.88 -10.53 4.72
C GLY A 201 15.84 -9.35 4.69
N VAL A 202 16.49 -9.07 5.79
CA VAL A 202 17.32 -7.84 5.84
C VAL A 202 18.46 -7.83 4.79
N ASN A 203 19.04 -9.01 4.56
CA ASN A 203 20.20 -9.10 3.64
C ASN A 203 19.82 -8.71 2.20
N ARG A 204 18.78 -9.32 1.70
CA ARG A 204 18.29 -8.95 0.38
C ARG A 204 17.77 -7.50 0.36
N ALA A 205 17.16 -7.04 1.45
CA ALA A 205 16.69 -5.67 1.48
C ALA A 205 17.85 -4.65 1.32
N ILE A 206 18.97 -4.95 1.95
CA ILE A 206 20.20 -4.16 1.79
C ILE A 206 20.62 -4.14 0.32
N GLU A 207 20.69 -5.30 -0.29
CA GLU A 207 21.10 -5.41 -1.67
C GLU A 207 20.16 -4.61 -2.58
N LEU A 208 18.86 -4.75 -2.41
CA LEU A 208 17.91 -4.01 -3.26
C LEU A 208 17.99 -2.49 -3.08
N CYS A 209 17.98 -2.05 -1.83
CA CYS A 209 18.00 -0.64 -1.56
C CYS A 209 19.32 0.06 -1.86
N LEU A 210 20.43 -0.58 -1.54
CA LEU A 210 21.70 0.08 -1.69
C LEU A 210 22.22 0.03 -3.11
N THR A 211 21.66 -0.83 -3.97
CA THR A 211 21.94 -0.77 -5.41
C THR A 211 20.85 0.03 -6.17
N ALA A 212 19.70 0.21 -5.55
CA ALA A 212 18.51 0.82 -6.13
C ALA A 212 18.11 0.15 -7.45
N ARG A 213 18.31 -1.15 -7.51
CA ARG A 213 18.11 -1.81 -8.80
C ARG A 213 16.66 -2.23 -9.09
N THR A 214 16.38 -2.46 -10.34
CA THR A 214 15.00 -2.78 -10.74
C THR A 214 14.78 -4.28 -10.64
N ILE A 215 13.68 -4.72 -10.08
N ILE A 215 13.64 -4.69 -10.13
CA ILE A 215 13.26 -6.13 -9.89
CA ILE A 215 13.21 -6.08 -9.93
C ILE A 215 12.11 -6.39 -10.87
C ILE A 215 12.07 -6.37 -10.91
N ASP A 216 12.22 -7.33 -11.82
CA ASP A 216 11.11 -7.71 -12.68
C ASP A 216 10.09 -8.62 -11.98
N ALA A 217 8.96 -8.91 -12.61
CA ALA A 217 7.91 -9.65 -11.95
C ALA A 217 8.32 -11.07 -11.55
N ALA A 218 9.08 -11.78 -12.37
CA ALA A 218 9.50 -13.14 -12.06
C ALA A 218 10.39 -13.12 -10.80
N GLU A 219 11.34 -12.20 -10.74
CA GLU A 219 12.18 -12.10 -9.54
C GLU A 219 11.36 -11.68 -8.32
N ALA A 220 10.42 -10.76 -8.51
CA ALA A 220 9.54 -10.36 -7.43
C ALA A 220 8.77 -11.55 -6.84
N ALA A 221 8.27 -12.45 -7.67
CA ALA A 221 7.58 -13.64 -7.18
C ALA A 221 8.58 -14.52 -6.41
N GLN A 222 9.77 -14.69 -6.97
N GLN A 222 9.77 -14.73 -6.96
CA GLN A 222 10.80 -15.54 -6.38
CA GLN A 222 10.72 -15.59 -6.27
C GLN A 222 11.22 -15.05 -5.00
C GLN A 222 10.99 -15.01 -4.88
N LEU A 223 11.22 -13.71 -4.81
CA LEU A 223 11.58 -13.04 -3.53
C LEU A 223 10.40 -12.79 -2.57
N ARG A 224 9.22 -13.33 -2.86
CA ARG A 224 8.00 -13.16 -2.04
C ARG A 224 7.42 -11.77 -2.11
N LEU A 225 7.89 -10.91 -3.02
CA LEU A 225 7.39 -9.56 -3.11
C LEU A 225 6.00 -9.58 -3.74
N ALA A 226 5.68 -10.58 -4.55
CA ALA A 226 4.34 -10.71 -5.06
C ALA A 226 3.73 -11.97 -4.54
N GLU A 227 2.45 -11.97 -4.13
CA GLU A 227 1.79 -13.24 -3.82
C GLU A 227 1.34 -13.96 -5.07
N ARG A 228 1.11 -13.23 -6.17
CA ARG A 228 0.75 -13.90 -7.44
C ARG A 228 1.17 -13.00 -8.57
N VAL A 229 1.66 -13.59 -9.66
CA VAL A 229 1.98 -12.85 -10.89
C VAL A 229 1.11 -13.44 -12.00
N VAL A 230 0.45 -12.60 -12.80
CA VAL A 230 -0.42 -13.05 -13.83
C VAL A 230 -0.16 -12.25 -15.08
N ALA A 231 -0.60 -12.78 -16.20
CA ALA A 231 -0.50 -12.04 -17.45
C ALA A 231 -1.20 -10.69 -17.30
N ASP A 232 -0.69 -9.67 -18.02
CA ASP A 232 -1.20 -8.30 -17.83
C ASP A 232 -2.72 -8.23 -18.05
N ALA A 233 -3.18 -8.89 -19.11
CA ALA A 233 -4.61 -8.86 -19.43
C ALA A 233 -5.49 -9.55 -18.37
N GLU A 234 -4.90 -10.35 -17.48
CA GLU A 234 -5.65 -11.06 -16.46
C GLU A 234 -5.58 -10.44 -15.06
N LEU A 235 -4.89 -9.32 -14.90
CA LEU A 235 -4.71 -8.75 -13.57
C LEU A 235 -6.05 -8.41 -12.93
N ASP A 236 -6.97 -7.78 -13.66
CA ASP A 236 -8.29 -7.44 -13.09
C ASP A 236 -9.06 -8.69 -12.64
N ALA A 237 -9.07 -9.74 -13.46
CA ALA A 237 -9.70 -11.01 -13.11
C ALA A 237 -9.08 -11.68 -11.88
N ALA A 238 -7.77 -11.68 -11.78
CA ALA A 238 -7.07 -12.23 -10.62
C ALA A 238 -7.40 -11.44 -9.34
N VAL A 239 -7.44 -10.14 -9.41
CA VAL A 239 -7.87 -9.33 -8.28
C VAL A 239 -9.31 -9.71 -7.88
N ASP A 240 -10.21 -9.78 -8.86
CA ASP A 240 -11.62 -10.14 -8.59
C ASP A 240 -11.70 -11.53 -7.96
N ALA A 241 -10.93 -12.50 -8.44
CA ALA A 241 -10.93 -13.84 -7.85
C ALA A 241 -10.51 -13.80 -6.38
N LEU A 242 -9.43 -13.10 -6.06
CA LEU A 242 -9.01 -12.92 -4.69
C LEU A 242 -10.08 -12.23 -3.80
N VAL A 243 -10.70 -11.18 -4.29
CA VAL A 243 -11.74 -10.50 -3.57
C VAL A 243 -12.85 -11.50 -3.28
N ALA A 244 -13.25 -12.31 -4.25
CA ALA A 244 -14.31 -13.26 -4.02
C ALA A 244 -13.94 -14.24 -2.90
N GLN A 245 -12.69 -14.69 -2.86
CA GLN A 245 -12.25 -15.62 -1.85
C GLN A 245 -12.26 -14.98 -0.49
N LEU A 246 -11.81 -13.73 -0.42
CA LEU A 246 -11.82 -13.04 0.87
C LEU A 246 -13.25 -12.82 1.38
N LEU A 247 -14.16 -12.45 0.51
CA LEU A 247 -15.53 -12.16 0.93
C LEU A 247 -16.27 -13.43 1.39
N ALA A 248 -15.82 -14.59 0.95
CA ALA A 248 -16.40 -15.88 1.35
C ALA A 248 -16.07 -16.28 2.78
N VAL A 249 -15.12 -15.65 3.39
CA VAL A 249 -14.75 -15.84 4.79
C VAL A 249 -15.42 -14.73 5.63
N PRO A 250 -16.02 -15.09 6.75
CA PRO A 250 -16.81 -14.08 7.50
C PRO A 250 -15.95 -13.00 8.03
N ALA A 251 -16.50 -11.82 8.05
CA ALA A 251 -15.75 -10.62 8.33
C ALA A 251 -15.08 -10.59 9.73
N ALA A 252 -15.82 -11.00 10.75
CA ALA A 252 -15.32 -10.90 12.12
C ALA A 252 -14.13 -11.86 12.30
N ALA A 253 -14.21 -13.04 11.72
CA ALA A 253 -13.08 -13.98 11.86
C ALA A 253 -11.85 -13.54 11.03
N ALA A 254 -12.11 -12.97 9.87
CA ALA A 254 -11.05 -12.38 9.06
C ALA A 254 -10.33 -11.30 9.84
N ARG A 255 -11.04 -10.36 10.43
CA ARG A 255 -10.40 -9.28 11.21
C ARG A 255 -9.63 -9.79 12.42
N ALA A 256 -10.22 -10.71 13.16
CA ALA A 256 -9.57 -11.24 14.37
C ALA A 256 -8.30 -12.02 13.98
N THR A 257 -8.31 -12.72 12.84
CA THR A 257 -7.18 -13.49 12.42
C THR A 257 -6.09 -12.55 11.96
N LYS A 258 -6.43 -11.53 11.15
CA LYS A 258 -5.40 -10.59 10.75
C LYS A 258 -4.69 -9.96 11.95
N GLU A 259 -5.46 -9.58 12.94
CA GLU A 259 -4.91 -8.99 14.14
C GLU A 259 -3.95 -9.93 14.83
N LEU A 260 -4.32 -11.20 14.94
CA LEU A 260 -3.37 -12.22 15.49
C LEU A 260 -2.10 -12.34 14.68
N LEU A 261 -2.21 -12.37 13.35
CA LEU A 261 -1.06 -12.63 12.51
C LEU A 261 -0.04 -11.46 12.64
N LEU A 262 -0.56 -10.25 12.82
CA LEU A 262 0.28 -9.05 12.90
C LEU A 262 1.10 -9.00 14.17
N GLN A 263 0.68 -9.72 15.18
CA GLN A 263 1.37 -9.78 16.48
C GLN A 263 2.37 -10.92 16.58
N ALA A 264 2.18 -11.93 15.73
CA ALA A 264 2.84 -13.21 15.91
C ALA A 264 4.37 -13.13 15.90
N GLY A 265 4.90 -12.28 15.02
CA GLY A 265 6.36 -12.15 14.89
C GLY A 265 7.06 -11.59 16.10
N ARG A 266 6.45 -10.62 16.77
CA ARG A 266 7.09 -9.94 17.87
C ARG A 266 6.83 -10.63 19.23
N ASN A 267 5.76 -11.41 19.36
CA ASN A 267 5.44 -12.07 20.64
C ASN A 267 6.29 -13.32 20.85
N ASP A 268 6.53 -13.74 22.09
CA ASP A 268 7.06 -15.09 22.27
C ASP A 268 5.90 -16.08 22.09
N LEU A 269 6.21 -17.36 22.04
CA LEU A 269 5.18 -18.36 21.66
C LEU A 269 4.12 -18.45 22.76
N ALA A 270 4.55 -18.43 24.02
CA ALA A 270 3.59 -18.53 25.12
C ALA A 270 2.57 -17.41 25.06
N THR A 271 3.07 -16.20 24.78
CA THR A 271 2.21 -15.02 24.69
C THR A 271 1.31 -15.14 23.50
N GLN A 272 1.87 -15.50 22.35
CA GLN A 272 1.02 -15.67 21.16
C GLN A 272 -0.07 -16.70 21.37
N ALA A 273 0.25 -17.80 22.05
CA ALA A 273 -0.81 -18.77 22.33
C ALA A 273 -1.92 -18.15 23.18
N ARG A 274 -1.56 -17.31 24.19
CA ARG A 274 -2.54 -16.71 25.06
C ARG A 274 -3.40 -15.74 24.24
N VAL A 275 -2.79 -14.97 23.37
CA VAL A 275 -3.55 -14.06 22.50
C VAL A 275 -4.52 -14.78 21.54
N GLU A 276 -4.09 -15.87 20.94
CA GLU A 276 -4.92 -16.74 20.09
C GLU A 276 -6.17 -17.20 20.85
N ARG A 277 -5.95 -17.68 22.06
CA ARG A 277 -6.99 -18.28 22.84
C ARG A 277 -8.01 -17.22 23.28
N THR A 278 -7.49 -16.04 23.61
CA THR A 278 -8.35 -14.91 23.99
C THR A 278 -9.23 -14.51 22.83
N ALA A 279 -8.63 -14.46 21.63
CA ALA A 279 -9.40 -14.17 20.40
C ALA A 279 -10.48 -15.21 20.14
N GLN A 280 -10.19 -16.48 20.42
CA GLN A 280 -11.18 -17.56 20.13
C GLN A 280 -12.36 -17.49 21.09
N LEU A 281 -12.14 -17.07 22.34
CA LEU A 281 -13.24 -16.97 23.29
C LEU A 281 -14.33 -16.06 22.72
N ALA A 282 -13.92 -14.96 22.15
CA ALA A 282 -14.86 -14.03 21.59
C ALA A 282 -15.56 -14.62 20.33
N ARG A 283 -14.84 -15.37 19.50
CA ARG A 283 -15.47 -15.99 18.33
C ARG A 283 -16.47 -17.07 18.73
N LEU A 284 -16.09 -17.91 19.70
CA LEU A 284 -16.93 -19.02 20.15
C LEU A 284 -18.18 -18.49 20.79
N ALA A 285 -18.06 -17.41 21.55
CA ALA A 285 -19.23 -16.78 22.10
C ALA A 285 -20.19 -16.42 20.98
N GLU A 286 -19.70 -15.74 19.93
CA GLU A 286 -20.62 -15.31 18.86
C GLU A 286 -21.28 -16.54 18.22
N LEU A 287 -20.48 -17.54 17.87
CA LEU A 287 -21.05 -18.78 17.38
C LEU A 287 -21.75 -19.51 18.56
#